data_6ZEA
#
_entry.id   6ZEA
#
_cell.length_a   44.440
_cell.length_b   71.420
_cell.length_c   109.580
_cell.angle_alpha   90.000
_cell.angle_beta   90.000
_cell.angle_gamma   90.000
#
_symmetry.space_group_name_H-M   'P 21 21 21'
#
loop_
_entity.id
_entity.type
_entity.pdbx_description
1 polymer 'Strictosidine synthase'
2 non-polymer 1,2-ETHANEDIOL
3 non-polymer (1~{R})-1-methyl-2,3,4,9-tetrahydro-1~{H}-pyrido[3,4-b]indole
4 non-polymer (1~{S})-1-methyl-2,3,4,9-tetrahydro-1~{H}-pyrido[3,4-b]indole
5 water water
#
_entity_poly.entity_id   1
_entity_poly.type   'polypeptide(L)'
_entity_poly.pdbx_seq_one_letter_code
;SPILKKIFIESPSYAPNAFTFDSTDKGFYTSVQDGRVIKYEGPNSGFTDFAYASPFWNKAFCENSTDPEKRPLCGRTYDI
SYDYKNSQMYIVDGHYHLCVVGKEGGYATQLATSVQGVPFKWLYAVTVDQRTGIVYFTDVSSIHDDSPEGVEEIMNTSDR
TGRLMKYDPSTKETTLLLKELHVPGGAEISADGSFVVVAEFLSNRIVKYWLEGPKKGSAEFLVTIPNPGNIKRNSDGHFW
VSSSEELDGGQHGRVVSRGIKFDGFGNILQVIPLPPPYEGEHFEQIQEHDGLLYIGSLFHSSVGILVYDDHDNKGNSYVS
S
;
_entity_poly.pdbx_strand_id   A
#
loop_
_chem_comp.id
_chem_comp.type
_chem_comp.name
_chem_comp.formula
EDO non-polymer 1,2-ETHANEDIOL 'C2 H6 O2'
QGH non-polymer (1~{R})-1-methyl-2,3,4,9-tetrahydro-1~{H}-pyrido[3,4-b]indole 'C12 H14 N2'
QGK non-polymer (1~{S})-1-methyl-2,3,4,9-tetrahydro-1~{H}-pyrido[3,4-b]indole 'C12 H14 N2'
#
# COMPACT_ATOMS: atom_id res chain seq x y z
N LEU A 4 -7.19 -21.12 -11.38
CA LEU A 4 -6.45 -19.83 -11.11
C LEU A 4 -5.11 -19.81 -11.84
N LYS A 5 -5.00 -18.87 -12.77
CA LYS A 5 -3.79 -18.72 -13.63
C LYS A 5 -2.94 -17.57 -13.09
N LYS A 6 -1.63 -17.71 -13.20
CA LYS A 6 -0.68 -16.68 -12.72
C LYS A 6 0.17 -16.23 -13.89
N ILE A 7 0.50 -14.96 -13.89
CA ILE A 7 1.30 -14.38 -14.86
C ILE A 7 2.37 -13.58 -14.16
N PHE A 8 3.58 -13.67 -14.66
CA PHE A 8 4.66 -12.88 -14.13
C PHE A 8 5.15 -11.93 -15.21
N ILE A 9 5.36 -10.69 -14.80
CA ILE A 9 5.95 -9.69 -15.68
C ILE A 9 7.30 -9.31 -15.11
N GLU A 10 8.36 -9.63 -15.84
CA GLU A 10 9.73 -9.31 -15.39
C GLU A 10 9.85 -7.79 -15.21
N SER A 11 10.37 -7.37 -14.08
CA SER A 11 10.50 -5.95 -13.76
C SER A 11 11.89 -5.63 -13.29
N PRO A 12 12.23 -4.35 -13.54
CA PRO A 12 13.46 -3.83 -12.97
C PRO A 12 13.39 -3.70 -11.48
N SER A 13 14.54 -3.51 -10.87
CA SER A 13 14.72 -3.43 -9.43
C SER A 13 14.17 -4.72 -8.77
N TYR A 14 13.51 -4.58 -7.67
CA TYR A 14 13.07 -5.70 -6.90
C TYR A 14 11.83 -5.29 -6.11
N ALA A 15 11.01 -6.23 -5.72
CA ALA A 15 10.00 -6.00 -4.72
C ALA A 15 8.91 -5.00 -5.12
N PRO A 16 8.28 -5.19 -6.29
CA PRO A 16 7.15 -4.40 -6.72
C PRO A 16 5.96 -4.65 -5.80
N ASN A 17 5.74 -3.73 -4.88
CA ASN A 17 4.87 -4.00 -3.73
C ASN A 17 3.43 -3.41 -3.77
N ALA A 18 3.27 -2.37 -4.56
CA ALA A 18 2.08 -1.58 -4.62
C ALA A 18 1.83 -1.11 -6.04
N PHE A 19 0.55 -0.91 -6.41
CA PHE A 19 0.14 -0.54 -7.82
C PHE A 19 -0.86 0.56 -7.82
N THR A 20 -0.88 1.35 -8.94
CA THR A 20 -2.00 2.19 -9.16
C THR A 20 -2.09 2.41 -10.68
N PHE A 21 -3.18 3.11 -11.04
CA PHE A 21 -3.58 3.18 -12.50
C PHE A 21 -4.10 4.58 -12.77
N ASP A 22 -3.88 5.02 -14.01
CA ASP A 22 -4.32 6.37 -14.38
C ASP A 22 -5.54 6.26 -15.28
N SER A 23 -5.98 7.39 -15.82
CA SER A 23 -7.18 7.40 -16.73
C SER A 23 -6.92 6.68 -18.05
N THR A 24 -5.74 6.82 -18.64
CA THR A 24 -5.41 6.05 -19.87
C THR A 24 -5.58 4.54 -19.72
N ASP A 25 -5.38 4.06 -18.51
CA ASP A 25 -5.53 2.66 -18.19
C ASP A 25 -4.86 1.77 -19.23
N LYS A 26 -3.72 2.22 -19.73
CA LYS A 26 -2.83 1.33 -20.42
C LYS A 26 -1.71 1.15 -19.42
N GLY A 27 -1.64 -0.04 -18.88
CA GLY A 27 -0.51 -0.44 -18.08
C GLY A 27 -0.84 -0.07 -16.65
N PHE A 28 0.23 0.06 -15.89
CA PHE A 28 0.10 0.27 -14.42
C PHE A 28 1.39 0.92 -13.98
N TYR A 29 1.35 1.42 -12.74
CA TYR A 29 2.48 2.00 -12.04
C TYR A 29 2.74 1.08 -10.83
N THR A 30 3.99 0.92 -10.50
CA THR A 30 4.42 0.16 -9.33
C THR A 30 5.69 0.75 -8.63
N SER A 31 5.71 0.68 -7.31
CA SER A 31 6.83 1.06 -6.52
C SER A 31 7.82 -0.05 -6.25
N VAL A 32 9.09 0.22 -6.43
CA VAL A 32 10.09 -0.81 -6.30
C VAL A 32 11.20 -0.51 -5.30
N GLN A 33 12.10 -1.46 -5.04
CA GLN A 33 12.97 -1.35 -3.88
C GLN A 33 14.04 -0.22 -4.02
N ASP A 34 14.42 0.11 -5.26
CA ASP A 34 15.53 1.06 -5.49
C ASP A 34 15.10 2.52 -5.38
N GLY A 35 13.85 2.78 -5.03
CA GLY A 35 13.36 4.13 -4.80
C GLY A 35 12.52 4.62 -5.93
N ARG A 36 12.40 3.86 -7.05
CA ARG A 36 11.58 4.39 -8.14
C ARG A 36 10.09 4.08 -7.99
N VAL A 37 9.29 4.87 -8.69
CA VAL A 37 7.97 4.46 -9.13
C VAL A 37 8.16 4.28 -10.67
N ILE A 38 7.85 3.06 -11.16
CA ILE A 38 8.03 2.74 -12.60
C ILE A 38 6.66 2.52 -13.22
N LYS A 39 6.60 2.61 -14.53
CA LYS A 39 5.37 2.44 -15.27
C LYS A 39 5.58 1.37 -16.34
N TYR A 40 4.73 0.34 -16.29
CA TYR A 40 4.62 -0.63 -17.36
C TYR A 40 3.78 -0.04 -18.48
N GLU A 41 4.34 -0.13 -19.70
CA GLU A 41 3.73 0.52 -20.86
C GLU A 41 2.96 -0.50 -21.73
N GLY A 42 2.97 -1.78 -21.40
CA GLY A 42 2.32 -2.81 -22.27
C GLY A 42 3.23 -3.96 -22.62
N PRO A 43 2.68 -5.05 -23.21
CA PRO A 43 3.49 -6.28 -23.33
C PRO A 43 4.70 -6.20 -24.32
N ASN A 44 4.64 -5.26 -25.24
CA ASN A 44 5.70 -4.99 -26.22
C ASN A 44 6.46 -3.67 -26.02
N SER A 45 6.32 -3.06 -24.84
CA SER A 45 7.07 -1.86 -24.47
C SER A 45 7.19 -1.97 -22.97
N GLY A 46 8.38 -2.16 -22.47
CA GLY A 46 8.54 -2.55 -21.10
C GLY A 46 8.13 -1.48 -20.09
N PHE A 47 9.01 -1.33 -19.15
CA PHE A 47 8.86 -0.40 -18.05
C PHE A 47 9.61 0.88 -18.38
N THR A 48 9.08 2.03 -17.99
CA THR A 48 9.83 3.30 -17.98
C THR A 48 9.83 3.81 -16.54
N ASP A 49 10.84 4.61 -16.24
CA ASP A 49 10.78 5.37 -14.97
C ASP A 49 9.64 6.37 -15.03
N PHE A 50 8.88 6.45 -13.95
CA PHE A 50 7.83 7.43 -13.85
C PHE A 50 8.17 8.55 -12.86
N ALA A 51 8.46 8.17 -11.64
CA ALA A 51 8.69 9.16 -10.61
C ALA A 51 9.67 8.76 -9.53
N TYR A 52 10.18 9.78 -8.80
CA TYR A 52 11.09 9.55 -7.67
C TYR A 52 10.71 10.44 -6.52
N ALA A 53 10.35 9.83 -5.36
CA ALA A 53 10.11 10.62 -4.13
C ALA A 53 11.36 11.39 -3.70
N SER A 54 12.50 10.70 -3.75
CA SER A 54 13.75 11.30 -3.31
C SER A 54 14.24 12.28 -4.34
N PRO A 55 14.51 13.55 -3.93
CA PRO A 55 15.15 14.47 -4.88
C PRO A 55 16.58 14.08 -5.25
N PHE A 56 17.20 13.14 -4.56
CA PHE A 56 18.64 12.77 -4.73
C PHE A 56 18.72 11.55 -5.68
N TRP A 57 17.55 10.92 -6.02
CA TRP A 57 17.60 9.69 -6.78
C TRP A 57 18.43 9.93 -8.04
N ASN A 58 19.36 8.99 -8.27
CA ASN A 58 20.10 8.96 -9.56
C ASN A 58 20.49 7.52 -9.91
N LYS A 59 20.62 7.28 -11.21
CA LYS A 59 20.85 5.95 -11.73
C LYS A 59 22.11 5.33 -11.21
N ALA A 60 23.23 6.11 -11.31
CA ALA A 60 24.51 5.52 -10.89
C ALA A 60 24.56 4.97 -9.49
N PHE A 61 23.96 5.68 -8.52
CA PHE A 61 24.06 5.32 -7.16
C PHE A 61 22.90 4.35 -6.78
N CYS A 62 21.68 4.58 -7.30
CA CYS A 62 20.49 3.85 -6.77
C CYS A 62 19.85 2.79 -7.68
N GLU A 63 20.15 2.76 -8.97
CA GLU A 63 19.39 1.88 -9.84
C GLU A 63 19.73 0.45 -9.49
N ASN A 64 18.69 -0.35 -9.21
CA ASN A 64 18.83 -1.74 -8.88
C ASN A 64 19.48 -2.07 -7.62
N SER A 65 19.66 -1.11 -6.74
CA SER A 65 20.22 -1.40 -5.45
C SER A 65 19.19 -2.03 -4.54
N THR A 66 19.65 -2.96 -3.71
CA THR A 66 18.83 -3.40 -2.56
C THR A 66 19.59 -3.26 -1.29
N ASP A 67 20.68 -2.45 -1.32
CA ASP A 67 21.49 -2.22 -0.15
C ASP A 67 20.70 -1.33 0.75
N PRO A 68 20.40 -1.79 1.97
CA PRO A 68 19.66 -0.94 2.93
C PRO A 68 20.33 0.34 3.31
N GLU A 69 21.66 0.36 3.21
CA GLU A 69 22.40 1.54 3.50
C GLU A 69 22.13 2.70 2.52
N LYS A 70 21.73 2.37 1.29
CA LYS A 70 21.42 3.39 0.30
C LYS A 70 19.98 3.92 0.38
N ARG A 71 19.14 3.30 1.19
CA ARG A 71 17.71 3.68 1.25
C ARG A 71 17.47 5.15 1.61
N PRO A 72 18.07 5.73 2.66
CA PRO A 72 17.81 7.12 3.00
C PRO A 72 18.07 8.11 1.86
N LEU A 73 19.08 7.86 1.04
CA LEU A 73 19.35 8.71 -0.03
C LEU A 73 18.38 8.43 -1.25
N CYS A 74 18.24 7.17 -1.62
CA CYS A 74 17.46 6.83 -2.84
C CYS A 74 15.95 6.90 -2.60
N GLY A 75 15.52 6.72 -1.34
CA GLY A 75 14.09 6.65 -1.04
C GLY A 75 13.68 5.18 -1.13
N ARG A 76 12.43 4.99 -0.79
CA ARG A 76 11.72 3.68 -0.93
C ARG A 76 10.24 3.99 -0.73
N THR A 77 9.50 4.00 -1.86
CA THR A 77 8.04 4.26 -1.87
C THR A 77 7.25 3.01 -1.56
N TYR A 78 6.37 3.12 -0.59
CA TYR A 78 5.55 2.00 -0.10
C TYR A 78 4.15 1.97 -0.66
N ASP A 79 3.60 3.09 -1.08
CA ASP A 79 2.29 3.09 -1.76
C ASP A 79 2.15 4.29 -2.60
N ILE A 80 1.25 4.13 -3.57
CA ILE A 80 0.97 5.11 -4.60
C ILE A 80 -0.52 5.10 -4.87
N SER A 81 -1.10 6.28 -5.13
CA SER A 81 -2.58 6.41 -5.36
C SER A 81 -2.82 7.51 -6.33
N TYR A 82 -3.45 7.17 -7.45
CA TYR A 82 -3.74 8.13 -8.54
C TYR A 82 -5.00 8.89 -8.25
N ASP A 83 -4.91 10.23 -8.43
CA ASP A 83 -5.99 11.21 -8.27
C ASP A 83 -6.45 11.52 -9.71
N TYR A 84 -7.64 11.02 -10.07
CA TYR A 84 -8.15 11.13 -11.42
C TYR A 84 -8.52 12.58 -11.77
N LYS A 85 -9.21 13.26 -10.88
CA LYS A 85 -9.77 14.64 -11.13
C LYS A 85 -8.57 15.50 -11.45
N ASN A 86 -7.48 15.38 -10.66
CA ASN A 86 -6.29 16.25 -10.89
C ASN A 86 -5.11 15.71 -11.73
N SER A 87 -5.22 14.53 -12.35
CA SER A 87 -4.15 13.83 -13.06
C SER A 87 -2.82 13.97 -12.30
N GLN A 88 -2.80 13.38 -11.11
CA GLN A 88 -1.59 13.44 -10.30
C GLN A 88 -1.55 12.15 -9.44
N MET A 89 -0.39 11.89 -8.89
CA MET A 89 -0.18 10.64 -8.15
C MET A 89 0.37 10.97 -6.77
N TYR A 90 -0.34 10.55 -5.74
CA TYR A 90 0.11 10.65 -4.40
C TYR A 90 1.06 9.47 -4.08
N ILE A 91 2.08 9.76 -3.26
CA ILE A 91 3.07 8.84 -2.93
C ILE A 91 3.34 8.89 -1.45
N VAL A 92 3.51 7.72 -0.83
CA VAL A 92 4.08 7.64 0.52
C VAL A 92 5.39 6.90 0.53
N ASP A 93 6.45 7.53 1.06
CA ASP A 93 7.81 7.02 1.01
C ASP A 93 8.39 6.95 2.40
N GLY A 94 9.21 5.93 2.59
CA GLY A 94 9.83 5.66 3.89
C GLY A 94 10.84 6.70 4.38
N HIS A 95 11.30 7.51 3.47
CA HIS A 95 12.29 8.55 3.72
C HIS A 95 11.91 9.93 3.36
N TYR A 96 11.03 10.14 2.40
CA TYR A 96 10.63 11.42 1.94
C TYR A 96 9.12 11.72 2.23
N HIS A 97 8.42 10.73 2.81
CA HIS A 97 7.14 10.93 3.47
C HIS A 97 6.02 11.15 2.42
N LEU A 98 5.07 12.04 2.68
CA LEU A 98 3.96 12.23 1.77
C LEU A 98 4.32 13.13 0.70
N CYS A 99 4.22 12.71 -0.56
CA CYS A 99 4.56 13.46 -1.71
C CYS A 99 3.51 13.39 -2.79
N VAL A 100 3.61 14.21 -3.81
CA VAL A 100 2.76 14.16 -4.99
C VAL A 100 3.54 14.49 -6.21
N VAL A 101 3.19 13.91 -7.36
CA VAL A 101 3.81 14.17 -8.63
C VAL A 101 2.73 14.32 -9.70
N GLY A 102 2.95 15.28 -10.62
CA GLY A 102 2.00 15.51 -11.68
C GLY A 102 1.97 14.41 -12.72
N LYS A 103 1.14 14.60 -13.76
CA LYS A 103 0.88 13.62 -14.80
C LYS A 103 2.06 13.13 -15.54
N GLU A 104 3.06 13.99 -15.80
CA GLU A 104 4.23 13.57 -16.55
C GLU A 104 5.36 12.96 -15.69
N GLY A 105 5.14 12.87 -14.39
CA GLY A 105 6.11 12.24 -13.50
C GLY A 105 7.32 13.09 -13.18
N GLY A 106 8.41 12.44 -12.86
CA GLY A 106 9.61 13.14 -12.49
C GLY A 106 9.79 13.14 -10.99
N TYR A 107 10.54 14.07 -10.48
CA TYR A 107 10.74 14.13 -9.08
C TYR A 107 9.51 14.74 -8.33
N ALA A 108 9.05 14.06 -7.27
CA ALA A 108 7.83 14.44 -6.57
C ALA A 108 8.00 15.61 -5.64
N THR A 109 6.91 16.29 -5.35
CA THR A 109 6.93 17.42 -4.42
C THR A 109 6.52 16.92 -3.04
N GLN A 110 7.33 17.17 -2.03
CA GLN A 110 7.03 16.81 -0.68
C GLN A 110 5.95 17.68 -0.05
N LEU A 111 4.94 17.04 0.57
CA LEU A 111 3.81 17.72 1.11
C LEU A 111 3.73 17.74 2.58
N ALA A 112 4.18 16.70 3.28
CA ALA A 112 4.08 16.65 4.68
C ALA A 112 5.01 15.66 5.28
N THR A 113 5.62 16.04 6.42
CA THR A 113 6.59 15.23 7.10
C THR A 113 6.38 14.95 8.60
N SER A 114 5.33 15.58 9.15
CA SER A 114 5.02 15.49 10.57
CA SER A 114 4.99 15.37 10.57
C SER A 114 3.52 15.72 10.82
N VAL A 115 3.06 15.35 12.01
CA VAL A 115 1.77 15.84 12.48
C VAL A 115 1.87 16.01 14.01
N GLN A 116 1.25 17.13 14.43
CA GLN A 116 1.20 17.55 15.84
C GLN A 116 2.63 17.53 16.49
N GLY A 117 3.61 18.05 15.75
CA GLY A 117 5.03 18.03 16.15
C GLY A 117 5.76 16.68 16.21
N VAL A 118 5.22 15.60 15.63
CA VAL A 118 5.80 14.29 15.79
C VAL A 118 6.08 13.88 14.34
N PRO A 119 7.33 13.87 13.96
CA PRO A 119 7.71 13.37 12.62
C PRO A 119 7.18 11.98 12.29
N PHE A 120 6.84 11.81 11.00
CA PHE A 120 6.57 10.52 10.45
C PHE A 120 7.84 9.67 10.38
N LYS A 121 7.72 8.40 10.66
CA LYS A 121 8.83 7.50 10.64
C LYS A 121 8.79 6.50 9.51
N TRP A 122 7.57 6.03 9.16
CA TRP A 122 7.46 5.01 8.12
C TRP A 122 6.06 5.02 7.48
N LEU A 123 5.85 6.02 6.66
CA LEU A 123 4.52 6.06 5.90
C LEU A 123 4.41 4.82 4.99
N TYR A 124 3.18 4.24 4.97
CA TYR A 124 3.04 2.96 4.42
C TYR A 124 1.90 2.79 3.38
N ALA A 125 0.73 3.32 3.70
CA ALA A 125 -0.40 3.22 2.79
C ALA A 125 -0.97 4.57 2.53
N VAL A 126 -1.53 4.72 1.34
CA VAL A 126 -2.18 5.97 0.93
C VAL A 126 -3.35 5.74 0.05
N THR A 127 -4.34 6.64 0.15
CA THR A 127 -5.48 6.62 -0.80
C THR A 127 -6.05 8.06 -0.90
N VAL A 128 -6.47 8.38 -2.10
CA VAL A 128 -7.11 9.70 -2.31
C VAL A 128 -8.64 9.52 -2.51
N ASP A 129 -9.42 10.34 -1.81
CA ASP A 129 -10.91 10.41 -2.00
C ASP A 129 -11.08 11.10 -3.36
N GLN A 130 -11.59 10.40 -4.37
CA GLN A 130 -11.63 10.88 -5.75
C GLN A 130 -12.57 12.13 -5.83
N ARG A 131 -13.58 12.17 -4.99
CA ARG A 131 -14.48 13.34 -5.00
C ARG A 131 -13.95 14.57 -4.29
N THR A 132 -13.34 14.43 -3.14
CA THR A 132 -12.94 15.58 -2.36
C THR A 132 -11.51 15.97 -2.59
N GLY A 133 -10.71 15.03 -3.15
CA GLY A 133 -9.23 15.17 -3.31
C GLY A 133 -8.51 15.08 -1.96
N ILE A 134 -9.16 14.79 -0.89
CA ILE A 134 -8.54 14.58 0.39
C ILE A 134 -7.77 13.24 0.44
N VAL A 135 -6.60 13.28 1.04
CA VAL A 135 -5.69 12.11 1.12
C VAL A 135 -5.63 11.52 2.50
N TYR A 136 -5.79 10.18 2.60
CA TYR A 136 -5.76 9.45 3.81
C TYR A 136 -4.53 8.50 3.76
N PHE A 137 -3.75 8.47 4.83
CA PHE A 137 -2.49 7.70 4.81
C PHE A 137 -2.11 7.26 6.23
N THR A 138 -1.31 6.22 6.31
CA THR A 138 -0.82 5.66 7.55
C THR A 138 0.69 5.72 7.70
N ASP A 139 1.08 5.82 8.98
CA ASP A 139 2.45 5.77 9.51
C ASP A 139 2.53 4.53 10.40
N VAL A 140 3.49 3.66 10.15
CA VAL A 140 3.56 2.38 10.81
C VAL A 140 3.99 2.54 12.28
N SER A 141 4.77 3.58 12.51
CA SER A 141 5.39 3.74 13.84
C SER A 141 5.76 5.13 14.05
N SER A 142 5.79 5.58 15.32
CA SER A 142 6.20 6.94 15.56
C SER A 142 7.67 6.90 16.08
N ILE A 143 8.21 5.72 16.23
CA ILE A 143 9.59 5.51 16.71
C ILE A 143 10.52 4.97 15.65
N HIS A 144 10.16 3.90 14.94
CA HIS A 144 11.06 3.01 14.21
C HIS A 144 10.83 3.24 12.71
N ASP A 145 11.92 3.39 11.96
CA ASP A 145 11.84 3.42 10.50
C ASP A 145 11.99 2.03 9.85
N ASP A 146 12.13 2.03 8.51
CA ASP A 146 12.21 0.83 7.74
C ASP A 146 13.62 0.13 7.66
N SER A 147 14.56 0.63 8.42
CA SER A 147 15.84 -0.07 8.56
C SER A 147 15.64 -1.48 9.15
N PRO A 148 16.62 -2.38 8.93
CA PRO A 148 16.54 -3.73 9.54
C PRO A 148 16.42 -3.62 11.02
N GLU A 149 17.13 -2.66 11.62
CA GLU A 149 17.09 -2.41 13.07
C GLU A 149 15.68 -2.00 13.50
N GLY A 150 15.06 -1.07 12.74
CA GLY A 150 13.68 -0.67 12.96
C GLY A 150 12.64 -1.77 12.89
N VAL A 151 12.68 -2.61 11.87
CA VAL A 151 11.76 -3.72 11.72
C VAL A 151 11.90 -4.62 12.91
N GLU A 152 13.14 -4.82 13.34
CA GLU A 152 13.37 -5.75 14.41
C GLU A 152 12.75 -5.23 15.71
N GLU A 153 12.92 -3.94 16.00
CA GLU A 153 12.34 -3.33 17.17
C GLU A 153 10.81 -3.29 17.14
N ILE A 154 10.24 -3.08 15.95
CA ILE A 154 8.78 -3.07 15.86
C ILE A 154 8.28 -4.42 16.31
N MET A 155 8.81 -5.50 15.73
CA MET A 155 8.47 -6.88 16.17
C MET A 155 8.72 -7.09 17.67
N ASN A 156 9.95 -6.84 18.11
CA ASN A 156 10.33 -7.12 19.53
C ASN A 156 9.48 -6.36 20.55
N THR A 157 9.14 -5.11 20.30
CA THR A 157 8.39 -4.31 21.30
C THR A 157 6.89 -4.28 21.03
N SER A 158 6.44 -4.98 19.99
CA SER A 158 5.02 -5.04 19.54
C SER A 158 4.53 -3.59 19.45
N ASP A 159 5.35 -2.80 18.78
CA ASP A 159 5.13 -1.35 18.56
C ASP A 159 3.66 -1.05 18.22
N ARG A 160 3.05 -0.19 19.02
CA ARG A 160 1.65 0.26 18.85
C ARG A 160 1.65 1.78 18.85
N THR A 161 2.42 2.38 17.95
CA THR A 161 2.51 3.77 17.82
C THR A 161 2.19 4.21 16.39
N GLY A 162 1.44 3.39 15.69
CA GLY A 162 0.98 3.74 14.33
C GLY A 162 -0.06 4.83 14.33
N ARG A 163 -0.19 5.50 13.19
CA ARG A 163 -1.15 6.62 13.07
C ARG A 163 -1.84 6.66 11.70
N LEU A 164 -3.02 7.23 11.70
CA LEU A 164 -3.82 7.55 10.49
C LEU A 164 -3.99 9.04 10.39
N MET A 165 -3.72 9.60 9.24
CA MET A 165 -3.76 11.00 8.96
C MET A 165 -4.64 11.33 7.79
N LYS A 166 -5.05 12.58 7.69
CA LYS A 166 -5.54 13.03 6.45
C LYS A 166 -4.75 14.27 6.05
N TYR A 167 -4.66 14.49 4.77
CA TYR A 167 -4.06 15.71 4.22
C TYR A 167 -5.05 16.32 3.29
N ASP A 168 -5.30 17.62 3.48
CA ASP A 168 -6.20 18.28 2.58
C ASP A 168 -5.52 19.30 1.68
N PRO A 169 -5.55 19.14 0.36
CA PRO A 169 -4.82 20.01 -0.50
C PRO A 169 -5.31 21.47 -0.52
N SER A 170 -6.54 21.72 -0.12
CA SER A 170 -7.03 23.08 -0.15
C SER A 170 -6.53 23.87 1.09
N THR A 171 -6.47 23.26 2.26
CA THR A 171 -5.73 23.83 3.39
C THR A 171 -4.18 23.64 3.41
N LYS A 172 -3.62 22.65 2.68
CA LYS A 172 -2.28 22.10 2.97
C LYS A 172 -2.01 21.68 4.40
N GLU A 173 -3.06 21.36 5.17
CA GLU A 173 -2.81 20.93 6.49
C GLU A 173 -3.01 19.42 6.54
N THR A 174 -2.27 18.82 7.46
CA THR A 174 -2.49 17.48 7.84
C THR A 174 -3.00 17.41 9.27
N THR A 175 -3.90 16.43 9.48
CA THR A 175 -4.60 16.18 10.71
C THR A 175 -4.41 14.78 11.17
N LEU A 176 -4.22 14.58 12.46
CA LEU A 176 -4.18 13.28 13.05
C LEU A 176 -5.59 12.71 13.28
N LEU A 177 -5.93 11.56 12.66
CA LEU A 177 -7.24 10.93 12.88
C LEU A 177 -7.22 9.87 13.97
N LEU A 178 -6.19 9.04 13.97
CA LEU A 178 -6.03 8.01 14.93
C LEU A 178 -4.56 7.89 15.28
N LYS A 179 -4.29 7.57 16.55
CA LYS A 179 -2.98 7.25 17.04
C LYS A 179 -3.00 5.93 17.73
N GLU A 180 -1.84 5.44 18.14
CA GLU A 180 -1.68 4.15 18.83
C GLU A 180 -2.25 2.96 18.14
N LEU A 181 -2.06 2.93 16.81
CA LEU A 181 -2.42 1.81 16.06
C LEU A 181 -1.33 0.77 16.04
N HIS A 182 -1.71 -0.46 15.88
CA HIS A 182 -0.84 -1.64 15.95
C HIS A 182 -0.34 -2.08 14.57
N VAL A 183 0.65 -1.31 14.09
CA VAL A 183 1.26 -1.49 12.74
C VAL A 183 0.18 -1.39 11.66
N PRO A 184 -0.27 -0.16 11.38
CA PRO A 184 -1.32 0.09 10.37
C PRO A 184 -0.76 0.11 8.94
N GLY A 185 -0.60 -1.06 8.38
CA GLY A 185 -0.02 -1.20 7.03
C GLY A 185 -1.01 -1.14 5.90
N GLY A 186 -2.26 -0.93 6.20
CA GLY A 186 -3.26 -0.83 5.08
C GLY A 186 -4.36 0.21 5.45
N ALA A 187 -4.85 0.96 4.45
CA ALA A 187 -5.90 1.98 4.66
C ALA A 187 -6.62 2.24 3.33
N GLU A 188 -7.95 2.07 3.31
CA GLU A 188 -8.73 2.28 2.06
C GLU A 188 -10.07 2.94 2.38
N ILE A 189 -10.39 4.00 1.64
CA ILE A 189 -11.64 4.74 1.78
C ILE A 189 -12.81 4.00 1.11
N SER A 190 -14.01 4.12 1.75
CA SER A 190 -15.23 3.57 1.14
C SER A 190 -15.60 4.32 -0.18
N ALA A 191 -16.34 3.62 -1.02
CA ALA A 191 -16.76 4.13 -2.31
C ALA A 191 -17.53 5.49 -2.10
N ASP A 192 -18.32 5.58 -1.01
CA ASP A 192 -19.16 6.78 -0.75
C ASP A 192 -18.47 7.79 0.18
N GLY A 193 -17.19 7.59 0.52
CA GLY A 193 -16.51 8.54 1.38
C GLY A 193 -16.96 8.58 2.82
N SER A 194 -17.80 7.66 3.30
CA SER A 194 -18.21 7.75 4.69
C SER A 194 -17.37 7.12 5.75
N PHE A 195 -16.38 6.30 5.32
CA PHE A 195 -15.54 5.65 6.25
C PHE A 195 -14.21 5.26 5.60
N VAL A 196 -13.23 5.04 6.45
CA VAL A 196 -11.91 4.46 6.06
C VAL A 196 -11.70 3.20 6.84
N VAL A 197 -11.29 2.12 6.19
CA VAL A 197 -10.93 0.86 6.86
C VAL A 197 -9.41 0.85 7.00
N VAL A 198 -8.95 0.38 8.16
CA VAL A 198 -7.53 0.38 8.52
C VAL A 198 -7.15 -1.01 8.96
N ALA A 199 -6.04 -1.55 8.46
CA ALA A 199 -5.54 -2.88 8.82
C ALA A 199 -4.51 -2.71 9.93
N GLU A 200 -4.67 -3.39 11.05
CA GLU A 200 -3.64 -3.33 12.13
C GLU A 200 -2.95 -4.66 12.13
N PHE A 201 -1.77 -4.70 11.52
CA PHE A 201 -1.13 -5.97 11.25
C PHE A 201 -0.92 -6.81 12.55
N LEU A 202 -0.42 -6.14 13.56
CA LEU A 202 -0.09 -6.87 14.83
C LEU A 202 -1.27 -7.28 15.67
N SER A 203 -2.42 -6.72 15.38
CA SER A 203 -3.71 -7.08 16.08
C SER A 203 -4.65 -7.88 15.20
N ASN A 204 -4.19 -8.29 14.03
CA ASN A 204 -4.95 -9.28 13.26
C ASN A 204 -6.37 -8.81 13.01
N ARG A 205 -6.51 -7.56 12.67
CA ARG A 205 -7.83 -7.00 12.46
C ARG A 205 -7.93 -5.81 11.55
N ILE A 206 -9.16 -5.54 11.13
CA ILE A 206 -9.50 -4.38 10.38
C ILE A 206 -10.40 -3.57 11.27
N VAL A 207 -10.17 -2.28 11.41
CA VAL A 207 -11.04 -1.30 12.07
C VAL A 207 -11.65 -0.33 11.09
N LYS A 208 -12.78 0.31 11.47
CA LYS A 208 -13.54 1.17 10.54
C LYS A 208 -13.58 2.52 11.22
N TYR A 209 -13.02 3.51 10.55
CA TYR A 209 -12.99 4.88 11.02
C TYR A 209 -14.01 5.72 10.27
N TRP A 210 -14.91 6.38 11.04
CA TRP A 210 -15.96 7.12 10.41
C TRP A 210 -15.63 8.54 10.01
N LEU A 211 -15.86 8.87 8.75
CA LEU A 211 -15.69 10.24 8.23
C LEU A 211 -17.07 11.01 8.33
N GLU A 212 -18.16 10.30 8.43
CA GLU A 212 -19.51 10.87 8.43
C GLU A 212 -20.34 10.01 9.36
N GLY A 213 -21.62 10.41 9.54
CA GLY A 213 -22.50 9.74 10.45
C GLY A 213 -22.37 10.24 11.91
N PRO A 214 -23.25 9.74 12.82
CA PRO A 214 -23.13 10.08 14.22
C PRO A 214 -21.87 9.65 14.96
N LYS A 215 -21.12 8.67 14.41
CA LYS A 215 -19.87 8.25 15.03
C LYS A 215 -18.62 8.84 14.34
N LYS A 216 -18.85 9.81 13.51
CA LYS A 216 -17.73 10.57 12.88
C LYS A 216 -16.63 10.88 13.83
N GLY A 217 -15.38 10.56 13.43
CA GLY A 217 -14.20 10.82 14.22
C GLY A 217 -13.83 9.73 15.18
N SER A 218 -14.53 8.61 15.15
CA SER A 218 -14.22 7.45 15.95
C SER A 218 -14.08 6.20 15.05
N ALA A 219 -13.48 5.19 15.65
CA ALA A 219 -13.26 3.91 15.04
C ALA A 219 -13.75 2.75 15.84
N GLU A 220 -14.15 1.70 15.14
CA GLU A 220 -14.68 0.52 15.80
C GLU A 220 -14.11 -0.71 15.12
N PHE A 221 -14.00 -1.76 15.88
CA PHE A 221 -13.64 -3.06 15.35
C PHE A 221 -14.52 -3.47 14.16
N LEU A 222 -13.94 -4.01 13.08
CA LEU A 222 -14.71 -4.46 11.93
C LEU A 222 -14.67 -5.99 11.72
N VAL A 223 -13.49 -6.58 11.53
CA VAL A 223 -13.35 -8.03 11.22
C VAL A 223 -11.95 -8.46 11.54
N THR A 224 -11.84 -9.68 12.07
CA THR A 224 -10.57 -10.38 12.24
C THR A 224 -10.03 -10.90 10.93
N ILE A 225 -8.77 -10.50 10.65
CA ILE A 225 -8.04 -11.03 9.53
C ILE A 225 -6.62 -11.37 9.98
N PRO A 226 -6.14 -12.59 9.71
CA PRO A 226 -4.68 -12.91 10.11
C PRO A 226 -3.66 -12.06 9.36
N ASN A 227 -2.82 -11.37 10.10
CA ASN A 227 -1.62 -10.67 9.55
C ASN A 227 -2.05 -9.84 8.30
N PRO A 228 -2.96 -8.89 8.49
CA PRO A 228 -3.55 -8.16 7.33
C PRO A 228 -2.53 -7.14 6.85
N GLY A 229 -2.40 -7.02 5.53
CA GLY A 229 -1.54 -5.97 4.98
C GLY A 229 -2.30 -4.82 4.34
N ASN A 230 -1.96 -4.48 3.08
CA ASN A 230 -2.58 -3.41 2.31
CA ASN A 230 -2.65 -3.27 2.51
C ASN A 230 -4.07 -3.73 2.07
N ILE A 231 -4.91 -2.72 1.96
CA ILE A 231 -6.31 -2.82 1.58
C ILE A 231 -6.56 -1.98 0.35
N LYS A 232 -7.20 -2.55 -0.67
CA LYS A 232 -7.56 -1.84 -1.87
C LYS A 232 -8.97 -2.15 -2.30
N ARG A 233 -9.72 -1.08 -2.54
CA ARG A 233 -11.15 -1.20 -2.92
C ARG A 233 -11.30 -1.55 -4.41
N ASN A 234 -12.28 -2.42 -4.76
CA ASN A 234 -12.55 -2.73 -6.14
C ASN A 234 -13.73 -1.88 -6.66
N SER A 235 -14.04 -2.10 -7.93
CA SER A 235 -15.09 -1.28 -8.53
C SER A 235 -16.49 -1.49 -7.99
N ASP A 236 -16.73 -2.60 -7.31
CA ASP A 236 -17.96 -2.89 -6.60
C ASP A 236 -18.05 -2.30 -5.22
N GLY A 237 -16.96 -1.69 -4.72
CA GLY A 237 -16.97 -1.13 -3.45
C GLY A 237 -16.53 -2.03 -2.31
N HIS A 238 -16.05 -3.23 -2.69
CA HIS A 238 -15.56 -4.13 -1.69
C HIS A 238 -14.08 -3.96 -1.54
N PHE A 239 -13.54 -4.54 -0.46
CA PHE A 239 -12.12 -4.37 -0.08
C PHE A 239 -11.38 -5.71 -0.16
N TRP A 240 -10.27 -5.66 -0.86
CA TRP A 240 -9.28 -6.75 -0.89
C TRP A 240 -8.13 -6.47 0.05
N VAL A 241 -7.82 -7.42 0.91
CA VAL A 241 -6.67 -7.35 1.84
C VAL A 241 -5.79 -8.56 1.73
N SER A 242 -4.47 -8.34 1.87
CA SER A 242 -3.54 -9.48 1.97
C SER A 242 -3.55 -10.06 3.41
N SER A 243 -3.43 -11.41 3.44
CA SER A 243 -3.47 -12.09 4.72
C SER A 243 -2.51 -13.32 4.68
N SER A 244 -2.01 -13.67 5.86
CA SER A 244 -1.27 -14.93 6.01
C SER A 244 -1.55 -15.45 7.41
N GLU A 245 -1.63 -16.78 7.48
CA GLU A 245 -2.04 -17.45 8.71
C GLU A 245 -1.08 -18.60 8.93
N GLU A 246 -0.57 -18.73 10.15
CA GLU A 246 0.27 -19.86 10.50
C GLU A 246 -0.59 -21.10 10.45
N LEU A 247 -0.04 -22.16 9.86
CA LEU A 247 -0.80 -23.34 9.58
C LEU A 247 -0.76 -24.24 10.83
N ASP A 248 -1.93 -24.55 11.37
CA ASP A 248 -2.11 -25.57 12.40
C ASP A 248 -1.68 -26.96 11.81
N GLY A 249 -0.76 -27.65 12.46
CA GLY A 249 -0.15 -28.89 11.90
C GLY A 249 1.09 -28.69 11.07
N GLY A 250 1.40 -27.47 10.67
CA GLY A 250 2.57 -27.31 9.76
C GLY A 250 3.87 -27.10 10.49
N GLN A 251 4.91 -26.75 9.71
CA GLN A 251 6.26 -26.44 10.17
C GLN A 251 6.87 -27.63 10.92
N ARG A 254 5.53 -21.97 9.36
CA ARG A 254 4.96 -21.99 8.01
C ARG A 254 3.58 -21.32 7.93
N VAL A 255 3.37 -20.49 6.89
CA VAL A 255 2.07 -19.82 6.63
C VAL A 255 1.32 -20.21 5.37
N VAL A 256 0.02 -19.90 5.39
CA VAL A 256 -0.78 -19.98 4.20
C VAL A 256 -1.16 -18.51 3.89
N SER A 257 -0.91 -18.12 2.63
CA SER A 257 -1.22 -16.75 2.14
CA SER A 257 -1.32 -16.76 2.27
C SER A 257 -2.56 -16.74 1.42
N ARG A 258 -3.39 -15.72 1.67
CA ARG A 258 -4.69 -15.63 1.02
C ARG A 258 -4.98 -14.18 0.72
N GLY A 259 -5.71 -13.96 -0.39
CA GLY A 259 -6.35 -12.68 -0.60
C GLY A 259 -7.74 -12.79 -0.03
N ILE A 260 -8.18 -11.78 0.70
CA ILE A 260 -9.44 -11.83 1.38
C ILE A 260 -10.29 -10.63 0.92
N LYS A 261 -11.51 -10.85 0.42
CA LYS A 261 -12.36 -9.74 0.00
C LYS A 261 -13.45 -9.59 1.01
N PHE A 262 -13.64 -8.40 1.52
CA PHE A 262 -14.66 -8.17 2.59
C PHE A 262 -15.48 -6.92 2.30
N ASP A 263 -16.65 -6.78 2.89
CA ASP A 263 -17.43 -5.53 2.78
C ASP A 263 -17.36 -4.65 3.98
N GLY A 264 -17.96 -3.45 3.87
CA GLY A 264 -17.98 -2.48 4.89
C GLY A 264 -18.69 -2.78 6.18
N PHE A 265 -19.46 -3.89 6.14
CA PHE A 265 -19.98 -4.48 7.34
C PHE A 265 -19.15 -5.58 7.94
N GLY A 266 -18.03 -5.93 7.35
CA GLY A 266 -17.15 -6.96 7.91
C GLY A 266 -17.44 -8.37 7.44
N ASN A 267 -18.33 -8.55 6.49
CA ASN A 267 -18.60 -9.84 5.93
C ASN A 267 -17.46 -10.29 5.02
N ILE A 268 -16.97 -11.50 5.21
CA ILE A 268 -16.03 -12.09 4.27
C ILE A 268 -16.80 -12.57 3.08
N LEU A 269 -16.48 -12.03 1.92
CA LEU A 269 -17.12 -12.37 0.66
C LEU A 269 -16.38 -13.38 -0.23
N GLN A 270 -15.03 -13.40 -0.21
CA GLN A 270 -14.28 -14.26 -1.09
C GLN A 270 -12.92 -14.46 -0.44
N VAL A 271 -12.44 -15.70 -0.51
CA VAL A 271 -11.10 -16.08 -0.04
C VAL A 271 -10.36 -16.80 -1.18
N ILE A 272 -9.19 -16.29 -1.56
CA ILE A 272 -8.37 -16.82 -2.60
C ILE A 272 -7.04 -17.23 -2.02
N PRO A 273 -6.82 -18.54 -1.87
CA PRO A 273 -5.48 -18.98 -1.52
C PRO A 273 -4.51 -18.66 -2.63
N LEU A 274 -3.44 -17.94 -2.32
CA LEU A 274 -2.49 -17.68 -3.43
C LEU A 274 -1.70 -18.92 -3.91
N PRO A 275 -1.37 -18.95 -5.20
CA PRO A 275 -0.59 -20.07 -5.74
C PRO A 275 0.86 -19.83 -5.50
N PRO A 276 1.73 -20.82 -5.71
CA PRO A 276 3.16 -20.52 -5.69
C PRO A 276 3.52 -19.43 -6.77
N PRO A 277 4.55 -18.60 -6.51
CA PRO A 277 5.44 -18.75 -5.32
C PRO A 277 4.94 -18.08 -4.03
N TYR A 278 3.78 -17.44 -4.09
CA TYR A 278 3.28 -16.67 -2.98
C TYR A 278 2.68 -17.53 -1.87
N GLU A 279 2.24 -18.74 -2.23
CA GLU A 279 1.49 -19.65 -1.34
C GLU A 279 1.87 -19.73 0.14
N GLY A 280 3.17 -19.82 0.40
CA GLY A 280 3.73 -19.95 1.72
C GLY A 280 4.58 -18.82 2.19
N GLU A 281 4.29 -17.61 1.72
CA GLU A 281 5.04 -16.44 1.98
C GLU A 281 4.06 -15.29 2.42
N HIS A 282 4.56 -14.34 3.18
CA HIS A 282 3.82 -13.13 3.41
C HIS A 282 3.80 -12.39 2.10
N PHE A 283 2.73 -11.60 1.88
CA PHE A 283 2.72 -10.74 0.64
C PHE A 283 2.13 -9.40 1.06
N GLU A 284 2.23 -8.42 0.19
CA GLU A 284 1.90 -7.09 0.55
C GLU A 284 0.45 -6.59 0.26
N GLN A 285 -0.03 -6.98 -0.90
CA GLN A 285 -1.24 -6.40 -1.41
C GLN A 285 -1.87 -7.31 -2.50
N ILE A 286 -3.17 -7.27 -2.54
CA ILE A 286 -3.95 -7.81 -3.67
C ILE A 286 -4.90 -6.69 -4.11
N GLN A 287 -4.87 -6.31 -5.41
CA GLN A 287 -5.63 -5.26 -5.93
C GLN A 287 -6.30 -5.67 -7.24
N GLU A 288 -7.63 -5.62 -7.17
CA GLU A 288 -8.45 -5.96 -8.36
C GLU A 288 -8.58 -4.75 -9.28
N HIS A 289 -8.25 -4.94 -10.58
CA HIS A 289 -8.38 -3.90 -11.59
C HIS A 289 -8.57 -4.55 -12.99
N ASP A 290 -9.60 -4.09 -13.70
CA ASP A 290 -9.90 -4.57 -15.09
C ASP A 290 -9.94 -6.09 -15.15
N GLY A 291 -10.52 -6.75 -14.14
CA GLY A 291 -10.66 -8.20 -14.12
C GLY A 291 -9.43 -9.01 -13.77
N LEU A 292 -8.38 -8.32 -13.28
CA LEU A 292 -7.12 -8.94 -12.91
C LEU A 292 -6.81 -8.62 -11.42
N LEU A 293 -6.14 -9.54 -10.78
CA LEU A 293 -5.68 -9.35 -9.43
C LEU A 293 -4.18 -9.13 -9.48
N TYR A 294 -3.78 -7.91 -9.11
CA TYR A 294 -2.36 -7.53 -9.01
C TYR A 294 -1.87 -7.90 -7.60
N ILE A 295 -0.76 -8.65 -7.53
CA ILE A 295 -0.17 -9.14 -6.25
C ILE A 295 1.15 -8.40 -5.98
N GLY A 296 1.22 -7.66 -4.85
CA GLY A 296 2.38 -6.94 -4.41
C GLY A 296 3.19 -7.79 -3.48
N SER A 297 4.48 -7.76 -3.63
CA SER A 297 5.35 -8.57 -2.70
C SER A 297 6.71 -7.88 -2.57
N LEU A 298 7.36 -8.17 -1.44
CA LEU A 298 8.72 -7.75 -1.18
C LEU A 298 9.73 -8.78 -1.57
N PHE A 299 9.31 -9.91 -2.12
CA PHE A 299 10.21 -11.13 -2.20
C PHE A 299 10.50 -11.60 -3.60
N HIS A 300 10.10 -10.87 -4.65
CA HIS A 300 10.34 -11.25 -6.03
C HIS A 300 10.77 -10.10 -6.90
N SER A 301 11.35 -10.42 -8.06
CA SER A 301 11.75 -9.39 -9.02
C SER A 301 10.86 -9.35 -10.26
N SER A 302 9.72 -10.00 -10.19
CA SER A 302 8.69 -9.85 -11.19
C SER A 302 7.35 -9.51 -10.53
N VAL A 303 6.55 -8.77 -11.24
CA VAL A 303 5.21 -8.51 -10.87
C VAL A 303 4.35 -9.75 -11.10
N GLY A 304 3.50 -10.06 -10.15
CA GLY A 304 2.58 -11.18 -10.23
C GLY A 304 1.14 -10.72 -10.37
N ILE A 305 0.43 -11.32 -11.34
CA ILE A 305 -0.96 -11.06 -11.62
C ILE A 305 -1.72 -12.37 -11.75
N LEU A 306 -2.91 -12.39 -11.14
CA LEU A 306 -3.82 -13.54 -11.21
C LEU A 306 -5.05 -13.24 -12.00
N VAL A 307 -5.46 -14.30 -12.71
CA VAL A 307 -6.73 -14.30 -13.37
C VAL A 307 -7.27 -15.76 -13.23
N TYR A 308 -8.57 -15.92 -13.14
CA TYR A 308 -9.18 -17.25 -13.30
C TYR A 308 -9.39 -17.66 -14.82
N ASP A 309 -8.90 -18.83 -15.21
CA ASP A 309 -9.29 -19.52 -16.49
C ASP A 309 -10.70 -20.17 -16.36
N ASP A 310 -11.72 -19.69 -17.12
CA ASP A 310 -13.11 -20.30 -17.09
C ASP A 310 -13.60 -20.81 -18.45
N HIS A 311 -12.67 -21.18 -19.36
CA HIS A 311 -13.04 -21.59 -20.74
C HIS A 311 -13.82 -22.95 -20.85
N ASP A 312 -13.96 -23.66 -19.72
CA ASP A 312 -14.75 -24.91 -19.58
C ASP A 312 -16.14 -24.89 -18.87
N ASN A 313 -16.53 -23.81 -18.18
CA ASN A 313 -17.88 -23.73 -17.56
C ASN A 313 -18.33 -22.29 -17.25
C1 EDO B . -9.15 2.04 -5.20
O1 EDO B . -8.90 3.10 -4.26
C2 EDO B . -7.91 1.56 -5.86
O2 EDO B . -7.41 2.66 -6.72
C1 EDO C . -1.57 18.01 -4.44
O1 EDO C . -1.70 18.11 -3.09
C2 EDO C . -1.21 19.29 -5.13
O2 EDO C . -0.80 18.94 -6.43
C1 EDO D . -14.19 7.37 -2.81
O1 EDO D . -14.38 8.02 -1.54
C2 EDO D . -12.95 7.94 -3.43
O2 EDO D . -12.59 7.41 -4.63
C1 EDO E . 6.62 19.61 3.68
O1 EDO E . 6.04 20.57 2.84
C2 EDO E . 8.11 19.63 3.74
O2 EDO E . 8.78 19.82 2.54
CAA QGH F . 2.01 -4.64 7.92
CAN QGH F . 3.31 -4.90 7.21
CAK QGH F . 4.30 -4.98 8.18
NAI QGH F . 4.64 -6.04 8.93
CAL QGH F . 5.63 -5.67 9.75
CAD QGH F . 6.31 -6.37 10.68
CAB QGH F . 7.33 -5.75 11.40
CAC QGH F . 7.65 -4.44 11.14
CAE QGH F . 6.91 -3.76 10.16
CAM QGH F . 5.95 -4.40 9.50
CAJ QGH F . 5.11 -3.97 8.52
CAG QGH F . 5.04 -2.71 7.98
CAF QGH F . 3.82 -2.58 7.09
NAH QGH F . 3.56 -3.80 6.30
CAN QGK G . 5.95 -4.37 9.53
CAL QGK G . 4.20 -4.90 8.32
CAB QGK G . 7.38 -5.78 11.36
CAC QGK G . 7.75 -4.48 11.06
CAM QGK G . 5.59 -5.63 9.83
CAG QGK G . 3.04 -6.07 6.56
CAO QGK G . 3.16 -4.79 7.40
NAJ QGK G . 4.53 -5.94 9.07
CAD QGK G . 6.28 -6.35 10.71
CAE QGK G . 6.99 -3.78 10.12
CAK QGK G . 5.08 -3.92 8.59
CAH QGK G . 5.04 -2.67 8.05
CAF QGK G . 3.80 -2.48 7.19
NAI QGK G . 3.43 -3.70 6.47
#